data_8R1N
#
_entry.id   8R1N
#
_cell.length_a   97.115
_cell.length_b   97.115
_cell.length_c   79.938
_cell.angle_alpha   90.000
_cell.angle_beta   90.000
_cell.angle_gamma   120.000
#
_symmetry.space_group_name_H-M   'P 65'
#
loop_
_entity.id
_entity.type
_entity.pdbx_description
1 polymer 'Serine/threonine-protein kinase pim-1'
2 polymer Pimtide
3 non-polymer '4-(4-hydroxyphenethyl)benzoic acid'
4 water water
#
loop_
_entity_poly.entity_id
_entity_poly.type
_entity_poly.pdbx_seq_one_letter_code
_entity_poly.pdbx_strand_id
1 'polypeptide(L)'
;SMLLSKINSLAHLRAAPCNDLHATKLAPGKEKEPLESQYQVGPLLGSGGFGSVYSGIRVSDNLPVAIKHVEKDRISDWGE
LPNGTRVPMEVVLLKKVSSGFSGVIRLLDWFERPDSFVLILERPEPVQDLFDFITERGALQEELARSFFWQVLEAVRHCH
NCGVLHRDIKDENILIDLNRGELKLIDFGSGALLKDTVYTDFDGTRVYSPPEWIRYHRYHGRSAAVWSLGILLYDMVCGD
IPFEHDEEIIGGQVFFRQRVS(SEP)ECQHLIRWCLALRPSDRPTFEEIQNHPWMQDVLLPQETAEIHLHSLSPGPS
;
A
2 'polypeptide(L)' ARKRRRHPSGPPTA C
#
loop_
_chem_comp.id
_chem_comp.type
_chem_comp.name
_chem_comp.formula
XIT non-polymer '4-(4-hydroxyphenethyl)benzoic acid' 'C15 H14 O3'
#
# COMPACT_ATOMS: atom_id res chain seq x y z
N LEU A 35 10.83 -22.71 -12.17
CA LEU A 35 10.56 -23.68 -13.21
C LEU A 35 9.33 -23.28 -14.02
N GLU A 36 9.48 -23.17 -15.34
CA GLU A 36 8.31 -23.06 -16.21
C GLU A 36 7.60 -24.40 -16.35
N SER A 37 8.04 -25.41 -15.60
CA SER A 37 7.34 -26.68 -15.49
C SER A 37 6.31 -26.66 -14.37
N GLN A 38 6.45 -25.76 -13.42
CA GLN A 38 5.54 -25.66 -12.30
C GLN A 38 4.45 -24.61 -12.50
N TYR A 39 4.62 -23.68 -13.45
CA TYR A 39 3.63 -22.66 -13.74
C TYR A 39 3.42 -22.54 -15.24
N GLN A 40 2.15 -22.39 -15.63
CA GLN A 40 1.81 -21.97 -16.98
C GLN A 40 1.87 -20.44 -17.01
N VAL A 41 2.77 -19.89 -17.81
CA VAL A 41 3.02 -18.46 -17.83
C VAL A 41 2.20 -17.83 -18.95
N GLY A 42 1.50 -16.74 -18.63
CA GLY A 42 0.70 -16.03 -19.59
C GLY A 42 1.29 -14.67 -19.90
N PRO A 43 0.47 -13.77 -20.42
CA PRO A 43 0.97 -12.47 -20.88
C PRO A 43 1.17 -11.48 -19.74
N LEU A 44 1.89 -10.41 -20.10
CA LEU A 44 2.14 -9.29 -19.22
C LEU A 44 0.83 -8.75 -18.64
N LEU A 45 0.85 -8.44 -17.35
CA LEU A 45 -0.31 -7.88 -16.66
C LEU A 45 -0.21 -6.36 -16.63
N GLY A 46 -1.34 -5.69 -16.90
CA GLY A 46 -1.41 -4.25 -16.74
C GLY A 46 -0.46 -3.46 -17.61
N SER A 47 0.01 -4.06 -18.72
CA SER A 47 0.93 -3.41 -19.66
C SER A 47 2.18 -2.86 -18.98
N GLY A 48 2.62 -3.53 -17.91
CA GLY A 48 3.82 -3.16 -17.19
C GLY A 48 3.65 -2.14 -16.09
N GLY A 49 2.41 -1.72 -15.79
CA GLY A 49 2.21 -0.70 -14.78
C GLY A 49 2.49 -1.17 -13.36
N PHE A 50 2.48 -2.48 -13.14
CA PHE A 50 2.87 -3.09 -11.87
C PHE A 50 4.33 -3.51 -11.86
N GLY A 51 5.06 -3.24 -12.94
CA GLY A 51 6.37 -3.80 -13.13
C GLY A 51 6.32 -4.93 -14.13
N SER A 52 7.36 -5.77 -14.09
CA SER A 52 7.44 -6.92 -14.97
C SER A 52 6.67 -8.06 -14.33
N VAL A 53 5.35 -7.99 -14.45
CA VAL A 53 4.45 -8.95 -13.81
C VAL A 53 3.63 -9.63 -14.88
N TYR A 54 3.63 -10.95 -14.88
CA TYR A 54 2.94 -11.75 -15.88
C TYR A 54 1.86 -12.57 -15.23
N SER A 55 0.77 -12.77 -15.96
CA SER A 55 -0.28 -13.68 -15.55
C SER A 55 0.25 -15.11 -15.56
N GLY A 56 -0.15 -15.88 -14.55
CA GLY A 56 0.25 -17.28 -14.49
C GLY A 56 -0.82 -18.13 -13.83
N ILE A 57 -0.63 -19.45 -13.95
CA ILE A 57 -1.51 -20.44 -13.35
C ILE A 57 -0.64 -21.54 -12.79
N ARG A 58 -0.76 -21.81 -11.48
CA ARG A 58 0.01 -22.90 -10.88
C ARG A 58 -0.54 -24.23 -11.39
N VAL A 59 0.32 -25.01 -12.05
CA VAL A 59 -0.14 -26.23 -12.70
C VAL A 59 -0.64 -27.24 -11.68
N SER A 60 -0.09 -27.22 -10.46
CA SER A 60 -0.48 -28.17 -9.42
C SER A 60 -1.98 -28.14 -9.16
N ASP A 61 -2.60 -26.95 -9.18
CA ASP A 61 -4.00 -26.85 -8.79
C ASP A 61 -4.76 -25.71 -9.46
N ASN A 62 -4.30 -25.22 -10.63
CA ASN A 62 -4.95 -24.15 -11.38
C ASN A 62 -5.15 -22.87 -10.57
N LEU A 63 -4.35 -22.64 -9.53
CA LEU A 63 -4.44 -21.40 -8.76
C LEU A 63 -3.90 -20.25 -9.61
N PRO A 64 -4.67 -19.17 -9.79
CA PRO A 64 -4.13 -18.00 -10.50
C PRO A 64 -3.01 -17.35 -9.70
N VAL A 65 -1.93 -16.98 -10.40
CA VAL A 65 -0.79 -16.32 -9.77
C VAL A 65 -0.36 -15.11 -10.59
N ALA A 66 0.36 -14.21 -9.94
CA ALA A 66 1.04 -13.11 -10.59
C ALA A 66 2.54 -13.36 -10.45
N ILE A 67 3.24 -13.35 -11.58
CA ILE A 67 4.65 -13.72 -11.64
C ILE A 67 5.45 -12.45 -11.87
N LYS A 68 6.15 -12.01 -10.83
CA LYS A 68 6.84 -10.72 -10.80
C LYS A 68 8.35 -10.95 -10.87
N HIS A 69 8.99 -10.27 -11.84
CA HIS A 69 10.40 -10.41 -12.10
C HIS A 69 11.12 -9.15 -11.67
N VAL A 70 12.22 -9.32 -10.95
CA VAL A 70 13.03 -8.20 -10.46
C VAL A 70 14.47 -8.43 -10.89
N GLU A 71 15.06 -7.42 -11.53
CA GLU A 71 16.44 -7.50 -12.00
C GLU A 71 17.40 -7.31 -10.82
N LYS A 72 18.38 -8.22 -10.71
CA LYS A 72 19.39 -8.09 -9.66
C LYS A 72 20.11 -6.75 -9.74
N ASP A 73 20.42 -6.29 -10.96
CA ASP A 73 21.15 -5.05 -11.13
C ASP A 73 20.39 -3.83 -10.63
N ARG A 74 19.08 -3.95 -10.42
CA ARG A 74 18.23 -2.82 -10.05
C ARG A 74 17.73 -2.90 -8.62
N ILE A 75 18.33 -3.75 -7.79
CA ILE A 75 17.83 -3.98 -6.43
C ILE A 75 18.57 -3.05 -5.47
N SER A 76 17.79 -2.27 -4.71
CA SER A 76 18.34 -1.33 -3.74
C SER A 76 18.90 -2.06 -2.53
N ASP A 77 18.02 -2.64 -1.71
CA ASP A 77 18.41 -3.27 -0.46
C ASP A 77 18.33 -4.78 -0.56
N TRP A 78 19.33 -5.44 0.01
CA TRP A 78 19.40 -6.89 0.08
C TRP A 78 19.21 -7.34 1.51
N GLY A 79 18.62 -8.53 1.65
CA GLY A 79 18.50 -9.17 2.96
C GLY A 79 19.03 -10.59 2.87
N GLU A 80 19.18 -11.19 4.05
CA GLU A 80 19.57 -12.59 4.16
C GLU A 80 18.37 -13.38 4.65
N LEU A 81 18.10 -14.51 4.01
CA LEU A 81 17.07 -15.41 4.48
C LEU A 81 17.58 -16.19 5.68
N PRO A 82 16.69 -16.78 6.47
CA PRO A 82 17.16 -17.66 7.57
C PRO A 82 18.10 -18.76 7.11
N ASN A 83 18.00 -19.20 5.86
CA ASN A 83 18.96 -20.15 5.31
C ASN A 83 20.31 -19.51 5.00
N GLY A 84 20.49 -18.22 5.27
CA GLY A 84 21.69 -17.51 4.88
C GLY A 84 21.74 -17.11 3.42
N THR A 85 20.75 -17.48 2.62
CA THR A 85 20.73 -17.10 1.21
C THR A 85 20.46 -15.61 1.06
N ARG A 86 21.23 -14.95 0.19
CA ARG A 86 21.07 -13.52 -0.05
C ARG A 86 19.95 -13.30 -1.06
N VAL A 87 18.91 -12.57 -0.64
CA VAL A 87 17.73 -12.33 -1.48
C VAL A 87 17.43 -10.84 -1.49
N PRO A 88 16.58 -10.35 -2.40
CA PRO A 88 16.12 -8.97 -2.27
C PRO A 88 15.34 -8.77 -0.98
N MET A 89 15.47 -7.58 -0.41
CA MET A 89 14.68 -7.25 0.78
C MET A 89 13.19 -7.47 0.56
N GLU A 90 12.71 -7.19 -0.67
CA GLU A 90 11.29 -7.37 -0.97
C GLU A 90 10.85 -8.79 -0.66
N VAL A 91 11.72 -9.77 -0.95
CA VAL A 91 11.39 -11.16 -0.66
C VAL A 91 11.34 -11.40 0.84
N VAL A 92 12.30 -10.83 1.58
CA VAL A 92 12.32 -10.98 3.04
C VAL A 92 11.04 -10.41 3.65
N LEU A 93 10.64 -9.21 3.21
CA LEU A 93 9.45 -8.58 3.78
C LEU A 93 8.19 -9.35 3.41
N LEU A 94 8.08 -9.75 2.14
CA LEU A 94 6.93 -10.53 1.71
C LEU A 94 6.79 -11.82 2.51
N LYS A 95 7.91 -12.49 2.77
CA LYS A 95 7.85 -13.74 3.52
C LYS A 95 7.41 -13.48 4.94
N LYS A 96 7.88 -12.39 5.54
CA LYS A 96 7.49 -12.08 6.92
C LYS A 96 6.01 -11.78 7.06
N VAL A 97 5.34 -11.27 6.02
CA VAL A 97 3.93 -10.94 6.14
C VAL A 97 3.01 -12.01 5.54
N SER A 98 3.57 -13.10 4.99
CA SER A 98 2.80 -14.04 4.20
C SER A 98 1.99 -15.07 4.98
N SER A 99 1.56 -14.74 6.19
CA SER A 99 0.82 -15.70 7.02
C SER A 99 -0.57 -16.06 6.47
N GLY A 100 -1.04 -15.44 5.39
CA GLY A 100 -2.38 -15.71 4.90
C GLY A 100 -3.46 -14.76 5.39
N PHE A 101 -3.09 -13.71 6.13
CA PHE A 101 -4.03 -12.63 6.42
C PHE A 101 -4.43 -11.98 5.11
N SER A 102 -5.74 -11.74 4.93
CA SER A 102 -6.26 -11.34 3.64
C SER A 102 -5.67 -10.02 3.12
N GLY A 103 -5.17 -9.17 4.02
CA GLY A 103 -4.98 -7.77 3.66
C GLY A 103 -3.68 -7.43 2.97
N VAL A 104 -2.74 -8.37 2.86
CA VAL A 104 -1.51 -8.12 2.14
C VAL A 104 -1.38 -9.18 1.06
N ILE A 105 -0.66 -8.82 -0.01
CA ILE A 105 -0.40 -9.80 -1.05
C ILE A 105 0.42 -10.96 -0.47
N ARG A 106 0.04 -12.19 -0.82
CA ARG A 106 0.71 -13.38 -0.32
C ARG A 106 1.75 -13.85 -1.32
N LEU A 107 3.00 -13.97 -0.87
CA LEU A 107 4.05 -14.58 -1.67
C LEU A 107 3.99 -16.09 -1.52
N LEU A 108 3.77 -16.78 -2.64
CA LEU A 108 3.63 -18.23 -2.59
C LEU A 108 4.94 -18.96 -2.79
N ASP A 109 5.93 -18.35 -3.44
CA ASP A 109 7.19 -18.98 -3.77
C ASP A 109 8.03 -17.94 -4.50
N TRP A 110 9.32 -18.25 -4.66
CA TRP A 110 10.23 -17.40 -5.40
C TRP A 110 11.35 -18.26 -5.98
N PHE A 111 12.04 -17.72 -6.98
CA PHE A 111 13.14 -18.38 -7.66
C PHE A 111 14.25 -17.38 -7.88
N GLU A 112 15.49 -17.87 -7.85
CA GLU A 112 16.62 -17.06 -8.29
C GLU A 112 17.03 -17.49 -9.69
N ARG A 113 17.34 -16.51 -10.53
CA ARG A 113 17.90 -16.72 -11.87
C ARG A 113 19.27 -16.05 -11.94
N PRO A 114 20.05 -16.30 -12.99
CA PRO A 114 21.34 -15.58 -13.12
C PRO A 114 21.26 -14.08 -12.89
N ASP A 115 20.35 -13.39 -13.57
CA ASP A 115 20.28 -11.93 -13.53
C ASP A 115 19.03 -11.40 -12.83
N SER A 116 18.25 -12.25 -12.17
CA SER A 116 16.96 -11.79 -11.64
C SER A 116 16.44 -12.73 -10.55
N PHE A 117 15.45 -12.22 -9.82
CA PHE A 117 14.62 -13.03 -8.94
C PHE A 117 13.18 -13.01 -9.46
N VAL A 118 12.50 -14.14 -9.33
CA VAL A 118 11.12 -14.31 -9.77
C VAL A 118 10.26 -14.56 -8.54
N LEU A 119 9.18 -13.79 -8.40
CA LEU A 119 8.30 -13.86 -7.24
C LEU A 119 6.94 -14.36 -7.68
N ILE A 120 6.45 -15.41 -7.02
CA ILE A 120 5.14 -15.98 -7.31
C ILE A 120 4.15 -15.43 -6.28
N LEU A 121 3.25 -14.56 -6.72
CA LEU A 121 2.28 -13.94 -5.84
C LEU A 121 0.89 -14.47 -6.16
N GLU A 122 0.06 -14.57 -5.13
CA GLU A 122 -1.35 -14.83 -5.36
C GLU A 122 -1.93 -13.77 -6.30
N ARG A 123 -2.94 -14.17 -7.07
CA ARG A 123 -3.62 -13.23 -7.97
C ARG A 123 -5.11 -13.27 -7.70
N PRO A 124 -5.64 -12.34 -6.92
CA PRO A 124 -7.09 -12.27 -6.74
C PRO A 124 -7.74 -11.78 -8.03
N GLU A 125 -8.96 -12.28 -8.26
CA GLU A 125 -9.77 -11.91 -9.41
C GLU A 125 -11.22 -11.84 -8.98
N PRO A 126 -11.99 -10.85 -9.47
CA PRO A 126 -11.58 -9.71 -10.30
C PRO A 126 -11.06 -8.59 -9.40
N VAL A 127 -10.13 -7.78 -9.88
CA VAL A 127 -9.58 -6.69 -9.08
C VAL A 127 -9.55 -5.42 -9.90
N GLN A 128 -9.49 -4.30 -9.19
CA GLN A 128 -9.10 -3.03 -9.76
C GLN A 128 -8.26 -2.32 -8.70
N ASP A 129 -7.20 -1.63 -9.11
CA ASP A 129 -6.44 -0.98 -8.06
C ASP A 129 -7.17 0.30 -7.64
N LEU A 130 -6.90 0.72 -6.41
CA LEU A 130 -7.68 1.81 -5.82
C LEU A 130 -7.44 3.14 -6.54
N PHE A 131 -6.26 3.32 -7.15
CA PHE A 131 -6.05 4.52 -7.94
C PHE A 131 -7.05 4.60 -9.10
N ASP A 132 -7.10 3.53 -9.92
CA ASP A 132 -8.06 3.52 -11.02
C ASP A 132 -9.49 3.63 -10.51
N PHE A 133 -9.79 2.95 -9.39
CA PHE A 133 -11.12 2.97 -8.82
C PHE A 133 -11.56 4.39 -8.49
N ILE A 134 -10.68 5.16 -7.85
CA ILE A 134 -11.00 6.55 -7.48
C ILE A 134 -11.07 7.43 -8.72
N THR A 135 -10.20 7.18 -9.70
CA THR A 135 -10.25 7.95 -10.93
C THR A 135 -11.61 7.85 -11.61
N GLU A 136 -12.19 6.65 -11.68
CA GLU A 136 -13.45 6.60 -12.40
C GLU A 136 -14.67 6.73 -11.51
N ARG A 137 -14.55 6.53 -10.20
CA ARG A 137 -15.70 6.78 -9.35
C ARG A 137 -15.72 8.20 -8.80
N GLY A 138 -14.60 8.88 -8.78
CA GLY A 138 -14.53 10.18 -8.14
C GLY A 138 -14.39 10.03 -6.63
N ALA A 139 -14.58 11.15 -5.93
CA ALA A 139 -14.59 11.14 -4.47
C ALA A 139 -15.54 10.05 -3.94
N LEU A 140 -15.03 9.23 -3.04
CA LEU A 140 -15.82 8.12 -2.49
C LEU A 140 -16.72 8.60 -1.35
N GLN A 141 -17.93 8.05 -1.30
CA GLN A 141 -18.77 8.23 -0.11
C GLN A 141 -18.02 7.81 1.14
N GLU A 142 -18.24 8.55 2.22
CA GLU A 142 -17.49 8.35 3.45
C GLU A 142 -17.68 6.94 4.00
N GLU A 143 -18.88 6.37 3.85
CA GLU A 143 -19.10 5.00 4.28
C GLU A 143 -18.16 4.05 3.56
N LEU A 144 -17.98 4.24 2.26
CA LEU A 144 -17.07 3.40 1.50
C LEU A 144 -15.62 3.71 1.85
N ALA A 145 -15.27 5.00 1.96
CA ALA A 145 -13.92 5.37 2.39
C ALA A 145 -13.60 4.81 3.76
N ARG A 146 -14.58 4.81 4.67
CA ARG A 146 -14.36 4.25 6.00
C ARG A 146 -13.99 2.77 5.92
N SER A 147 -14.77 2.00 5.16
CA SER A 147 -14.50 0.57 5.06
C SER A 147 -13.11 0.32 4.45
N PHE A 148 -12.79 1.04 3.38
CA PHE A 148 -11.48 0.89 2.74
C PHE A 148 -10.36 1.29 3.67
N PHE A 149 -10.46 2.48 4.28
CA PHE A 149 -9.42 2.96 5.18
C PHE A 149 -9.22 2.02 6.35
N TRP A 150 -10.32 1.53 6.93
CA TRP A 150 -10.22 0.58 8.03
C TRP A 150 -9.42 -0.65 7.62
N GLN A 151 -9.72 -1.21 6.45
CA GLN A 151 -8.99 -2.40 6.01
C GLN A 151 -7.52 -2.09 5.74
N VAL A 152 -7.21 -0.89 5.22
CA VAL A 152 -5.80 -0.53 5.04
C VAL A 152 -5.11 -0.46 6.40
N LEU A 153 -5.80 0.10 7.39
CA LEU A 153 -5.24 0.19 8.73
C LEU A 153 -4.91 -1.20 9.29
N GLU A 154 -5.86 -2.15 9.17
CA GLU A 154 -5.60 -3.50 9.65
C GLU A 154 -4.43 -4.15 8.90
N ALA A 155 -4.32 -3.88 7.59
CA ALA A 155 -3.23 -4.47 6.82
C ALA A 155 -1.88 -3.90 7.24
N VAL A 156 -1.82 -2.59 7.50
CA VAL A 156 -0.57 -1.97 7.92
C VAL A 156 -0.20 -2.42 9.33
N ARG A 157 -1.20 -2.56 10.22
CA ARG A 157 -0.95 -3.13 11.54
C ARG A 157 -0.35 -4.52 11.43
N HIS A 158 -0.90 -5.34 10.52
CA HIS A 158 -0.35 -6.67 10.29
C HIS A 158 1.12 -6.58 9.86
N CYS A 159 1.44 -5.70 8.91
CA CYS A 159 2.83 -5.50 8.52
C CYS A 159 3.70 -5.17 9.72
N HIS A 160 3.32 -4.14 10.49
CA HIS A 160 4.16 -3.73 11.60
C HIS A 160 4.31 -4.86 12.62
N ASN A 161 3.23 -5.62 12.88
CA ASN A 161 3.31 -6.75 13.79
C ASN A 161 4.27 -7.82 13.29
N CYS A 162 4.43 -7.94 11.98
CA CYS A 162 5.38 -8.89 11.41
C CYS A 162 6.78 -8.31 11.23
N GLY A 163 7.05 -7.10 11.71
CA GLY A 163 8.37 -6.51 11.58
C GLY A 163 8.65 -5.82 10.27
N VAL A 164 7.60 -5.39 9.54
CA VAL A 164 7.72 -4.88 8.18
C VAL A 164 7.14 -3.48 8.10
N LEU A 165 7.92 -2.55 7.56
CA LEU A 165 7.49 -1.18 7.24
C LEU A 165 7.35 -1.05 5.72
N HIS A 166 6.13 -0.78 5.25
CA HIS A 166 5.87 -0.82 3.81
C HIS A 166 6.52 0.36 3.09
N ARG A 167 6.36 1.57 3.63
CA ARG A 167 6.96 2.81 3.13
C ARG A 167 6.46 3.27 1.78
N ASP A 168 5.41 2.67 1.21
CA ASP A 168 4.86 3.22 -0.02
C ASP A 168 3.35 3.00 -0.04
N ILE A 169 2.69 3.31 1.07
CA ILE A 169 1.23 3.24 1.10
C ILE A 169 0.68 4.34 0.19
N LYS A 170 -0.13 3.94 -0.80
CA LYS A 170 -0.78 4.88 -1.70
C LYS A 170 -1.84 4.10 -2.46
N ASP A 171 -2.77 4.82 -3.11
CA ASP A 171 -3.87 4.11 -3.76
C ASP A 171 -3.38 3.19 -4.87
N GLU A 172 -2.26 3.52 -5.52
CA GLU A 172 -1.72 2.69 -6.59
C GLU A 172 -1.29 1.33 -6.08
N ASN A 173 -0.93 1.22 -4.79
CA ASN A 173 -0.41 0.00 -4.19
C ASN A 173 -1.46 -0.75 -3.39
N ILE A 174 -2.74 -0.56 -3.71
CA ILE A 174 -3.86 -1.21 -3.04
C ILE A 174 -4.76 -1.81 -4.11
N LEU A 175 -5.04 -3.10 -4.00
CA LEU A 175 -5.97 -3.79 -4.89
C LEU A 175 -7.29 -3.97 -4.19
N ILE A 176 -8.38 -3.79 -4.93
CA ILE A 176 -9.72 -4.07 -4.44
C ILE A 176 -10.19 -5.38 -5.06
N ASP A 177 -10.49 -6.36 -4.23
CA ASP A 177 -11.20 -7.56 -4.69
C ASP A 177 -12.67 -7.18 -4.82
N LEU A 178 -13.13 -7.05 -6.07
CA LEU A 178 -14.45 -6.48 -6.32
C LEU A 178 -15.58 -7.41 -5.95
N ASN A 179 -15.33 -8.72 -5.84
CA ASN A 179 -16.39 -9.63 -5.43
C ASN A 179 -16.47 -9.77 -3.93
N ARG A 180 -15.33 -9.78 -3.25
CA ARG A 180 -15.31 -9.98 -1.81
C ARG A 180 -15.29 -8.67 -1.03
N GLY A 181 -15.00 -7.54 -1.67
CA GLY A 181 -14.90 -6.29 -0.95
C GLY A 181 -13.69 -6.20 -0.05
N GLU A 182 -12.62 -6.91 -0.37
CA GLU A 182 -11.42 -6.95 0.45
C GLU A 182 -10.28 -6.21 -0.26
N LEU A 183 -9.56 -5.40 0.49
CA LEU A 183 -8.42 -4.66 -0.02
C LEU A 183 -7.12 -5.43 0.25
N LYS A 184 -6.17 -5.31 -0.68
CA LYS A 184 -4.88 -5.96 -0.54
C LYS A 184 -3.78 -4.94 -0.77
N LEU A 185 -2.88 -4.80 0.20
CA LEU A 185 -1.68 -3.99 0.05
C LEU A 185 -0.64 -4.75 -0.78
N ILE A 186 -0.06 -4.09 -1.78
CA ILE A 186 0.87 -4.75 -2.68
C ILE A 186 2.15 -3.92 -2.77
N ASP A 187 3.13 -4.48 -3.48
CA ASP A 187 4.40 -3.84 -3.82
C ASP A 187 5.18 -3.41 -2.58
N PHE A 188 5.89 -4.36 -1.99
CA PHE A 188 6.80 -4.11 -0.89
C PHE A 188 8.20 -3.75 -1.36
N GLY A 189 8.34 -3.31 -2.61
CA GLY A 189 9.66 -3.05 -3.17
C GLY A 189 10.36 -1.83 -2.63
N SER A 190 9.67 -0.99 -1.86
CA SER A 190 10.28 0.16 -1.20
C SER A 190 10.35 -0.03 0.31
N GLY A 191 9.96 -1.19 0.83
CA GLY A 191 9.80 -1.38 2.25
C GLY A 191 11.12 -1.54 2.97
N ALA A 192 11.01 -1.76 4.28
CA ALA A 192 12.16 -2.02 5.13
C ALA A 192 11.71 -2.83 6.33
N LEU A 193 12.67 -3.46 6.99
CA LEU A 193 12.41 -4.02 8.30
C LEU A 193 11.97 -2.88 9.22
N LEU A 194 10.97 -3.15 10.03
CA LEU A 194 10.51 -2.14 10.97
C LEU A 194 11.56 -1.98 12.08
N LYS A 195 11.99 -0.74 12.34
CA LYS A 195 12.86 -0.44 13.45
C LYS A 195 12.33 0.78 14.17
N ASP A 196 12.82 0.99 15.41
CA ASP A 196 12.40 2.15 16.20
C ASP A 196 13.36 3.33 16.06
N THR A 197 14.52 3.13 15.44
CA THR A 197 15.47 4.21 15.26
C THR A 197 15.15 4.97 13.98
N VAL A 198 15.89 6.05 13.74
CA VAL A 198 15.53 6.96 12.66
C VAL A 198 15.87 6.34 11.32
N TYR A 199 15.03 6.59 10.31
CA TYR A 199 15.35 6.25 8.93
C TYR A 199 15.96 7.48 8.25
N THR A 200 17.05 7.27 7.49
CA THR A 200 17.68 8.32 6.70
C THR A 200 17.63 8.06 5.20
N ASP A 201 17.05 6.94 4.77
CA ASP A 201 16.83 6.58 3.38
C ASP A 201 15.34 6.50 3.10
N PHE A 202 14.96 6.66 1.83
CA PHE A 202 13.56 6.56 1.43
C PHE A 202 13.46 6.44 -0.08
N ASP A 203 12.71 5.46 -0.56
CA ASP A 203 12.46 5.31 -1.99
C ASP A 203 10.98 5.08 -2.30
N GLY A 204 10.08 5.56 -1.44
CA GLY A 204 8.65 5.50 -1.71
C GLY A 204 8.23 6.66 -2.58
N THR A 205 6.95 7.06 -2.45
CA THR A 205 6.37 8.09 -3.32
C THR A 205 6.41 9.44 -2.63
N ARG A 206 7.03 10.41 -3.30
CA ARG A 206 7.36 11.67 -2.63
C ARG A 206 6.11 12.43 -2.18
N VAL A 207 5.05 12.44 -3.00
CA VAL A 207 3.85 13.18 -2.64
C VAL A 207 3.08 12.55 -1.49
N TYR A 208 3.47 11.34 -1.06
CA TYR A 208 2.95 10.74 0.16
C TYR A 208 3.93 10.78 1.33
N SER A 209 5.14 11.38 1.13
CA SER A 209 6.17 11.36 2.16
C SER A 209 5.96 12.53 3.12
N PRO A 210 6.44 12.42 4.36
CA PRO A 210 6.08 13.39 5.39
C PRO A 210 6.99 14.61 5.35
N PRO A 211 6.59 15.72 5.97
CA PRO A 211 7.41 16.93 5.89
C PRO A 211 8.77 16.80 6.55
N GLU A 212 8.91 15.98 7.60
CA GLU A 212 10.24 15.78 8.17
C GLU A 212 11.18 15.07 7.20
N TRP A 213 10.65 14.32 6.21
CA TRP A 213 11.51 13.78 5.17
C TRP A 213 11.92 14.85 4.17
N ILE A 214 10.94 15.65 3.72
CA ILE A 214 11.24 16.73 2.78
C ILE A 214 12.29 17.68 3.36
N ARG A 215 12.13 18.08 4.62
CA ARG A 215 12.97 19.12 5.19
C ARG A 215 14.32 18.59 5.71
N TYR A 216 14.33 17.42 6.38
CA TYR A 216 15.51 16.93 7.06
C TYR A 216 16.04 15.60 6.56
N HIS A 217 15.35 14.93 5.65
CA HIS A 217 15.74 13.59 5.18
C HIS A 217 15.91 12.62 6.35
N ARG A 218 15.04 12.74 7.34
CA ARG A 218 14.95 11.86 8.49
C ARG A 218 13.47 11.63 8.79
N TYR A 219 13.14 10.42 9.23
CA TYR A 219 11.78 10.14 9.68
C TYR A 219 11.80 8.89 10.53
N HIS A 220 10.78 8.75 11.36
CA HIS A 220 10.53 7.50 12.06
C HIS A 220 9.38 6.77 11.37
N GLY A 221 9.41 5.44 11.47
CA GLY A 221 8.59 4.62 10.58
C GLY A 221 7.10 4.79 10.81
N ARG A 222 6.66 4.70 12.06
CA ARG A 222 5.22 4.68 12.32
C ARG A 222 4.58 6.02 12.01
N SER A 223 5.20 7.12 12.43
CA SER A 223 4.58 8.42 12.21
C SER A 223 4.66 8.82 10.74
N ALA A 224 5.67 8.35 10.01
CA ALA A 224 5.68 8.56 8.57
C ALA A 224 4.57 7.76 7.89
N ALA A 225 4.30 6.53 8.38
CA ALA A 225 3.18 5.76 7.84
C ALA A 225 1.85 6.47 8.09
N VAL A 226 1.68 7.02 9.29
CA VAL A 226 0.45 7.73 9.61
C VAL A 226 0.26 8.93 8.68
N TRP A 227 1.34 9.65 8.37
CA TRP A 227 1.22 10.76 7.42
C TRP A 227 0.73 10.27 6.06
N SER A 228 1.34 9.20 5.54
CA SER A 228 0.90 8.69 4.24
C SER A 228 -0.54 8.20 4.28
N LEU A 229 -1.00 7.74 5.45
CA LEU A 229 -2.39 7.32 5.57
C LEU A 229 -3.33 8.52 5.56
N GLY A 230 -2.91 9.65 6.10
CA GLY A 230 -3.69 10.87 5.95
C GLY A 230 -3.81 11.33 4.51
N ILE A 231 -2.72 11.22 3.73
CA ILE A 231 -2.79 11.55 2.31
C ILE A 231 -3.77 10.62 1.61
N LEU A 232 -3.69 9.33 1.93
CA LEU A 232 -4.57 8.33 1.35
C LEU A 232 -6.03 8.60 1.69
N LEU A 233 -6.31 8.95 2.95
CA LEU A 233 -7.69 9.20 3.36
C LEU A 233 -8.25 10.44 2.66
N TYR A 234 -7.45 11.52 2.57
CA TYR A 234 -7.88 12.69 1.80
C TYR A 234 -8.14 12.30 0.35
N ASP A 235 -7.23 11.53 -0.25
CA ASP A 235 -7.39 11.03 -1.61
C ASP A 235 -8.72 10.34 -1.81
N MET A 236 -9.13 9.51 -0.84
CA MET A 236 -10.38 8.76 -0.96
C MET A 236 -11.61 9.67 -0.92
N VAL A 237 -11.69 10.59 0.05
CA VAL A 237 -12.91 11.38 0.22
C VAL A 237 -12.94 12.65 -0.63
N CYS A 238 -11.81 13.03 -1.24
CA CYS A 238 -11.78 14.21 -2.09
C CYS A 238 -11.54 13.88 -3.56
N GLY A 239 -11.08 12.66 -3.88
CA GLY A 239 -10.92 12.23 -5.24
C GLY A 239 -9.53 12.44 -5.80
N ASP A 240 -8.63 13.10 -5.07
CA ASP A 240 -7.23 13.20 -5.44
C ASP A 240 -6.47 13.61 -4.19
N ILE A 241 -5.15 13.44 -4.24
CA ILE A 241 -4.30 13.69 -3.07
C ILE A 241 -4.25 15.19 -2.83
N PRO A 242 -3.92 15.66 -1.64
CA PRO A 242 -3.99 17.11 -1.39
C PRO A 242 -2.78 17.89 -1.89
N PHE A 243 -1.59 17.30 -1.89
CA PHE A 243 -0.35 18.02 -2.15
C PHE A 243 0.34 17.46 -3.39
N GLU A 244 0.85 18.35 -4.23
CA GLU A 244 1.73 17.97 -5.33
C GLU A 244 3.15 18.51 -5.18
N HIS A 245 3.34 19.58 -4.41
CA HIS A 245 4.65 20.24 -4.33
C HIS A 245 5.19 20.19 -2.91
N ASP A 246 6.52 20.18 -2.81
CA ASP A 246 7.19 20.20 -1.51
C ASP A 246 6.66 21.31 -0.62
N GLU A 247 6.42 22.50 -1.19
CA GLU A 247 5.96 23.64 -0.41
C GLU A 247 4.59 23.36 0.22
N GLU A 248 3.72 22.66 -0.49
CA GLU A 248 2.42 22.28 0.09
C GLU A 248 2.60 21.25 1.21
N ILE A 249 3.52 20.29 1.03
CA ILE A 249 3.72 19.23 2.02
C ILE A 249 4.15 19.83 3.35
N ILE A 250 5.05 20.82 3.32
CA ILE A 250 5.58 21.41 4.55
C ILE A 250 4.76 22.60 5.03
N GLY A 251 3.80 23.09 4.24
CA GLY A 251 3.07 24.29 4.58
C GLY A 251 2.06 24.14 5.72
N GLY A 252 1.58 22.94 5.98
CA GLY A 252 0.65 22.74 7.08
C GLY A 252 -0.77 23.24 6.86
N GLN A 253 -1.25 23.25 5.62
CA GLN A 253 -2.60 23.72 5.31
C GLN A 253 -3.29 22.70 4.43
N VAL A 254 -4.45 22.22 4.88
CA VAL A 254 -5.23 21.24 4.14
C VAL A 254 -6.53 21.91 3.71
N PHE A 255 -6.66 22.16 2.40
CA PHE A 255 -7.89 22.69 1.83
C PHE A 255 -8.74 21.51 1.35
N PHE A 256 -10.03 21.53 1.70
CA PHE A 256 -10.96 20.48 1.29
C PHE A 256 -11.76 20.94 0.08
N ARG A 257 -11.57 20.25 -1.03
CA ARG A 257 -12.15 20.60 -2.31
C ARG A 257 -13.49 19.93 -2.52
N GLN A 258 -13.91 19.11 -1.56
CA GLN A 258 -15.12 18.32 -1.62
C GLN A 258 -15.78 18.40 -0.25
N ARG A 259 -17.10 18.28 -0.24
CA ARG A 259 -17.83 18.16 1.01
C ARG A 259 -17.34 16.97 1.80
N VAL A 260 -16.78 17.22 2.98
CA VAL A 260 -16.27 16.18 3.87
C VAL A 260 -16.74 16.51 5.29
N SER A 261 -17.25 15.50 6.00
CA SER A 261 -17.72 15.69 7.37
C SER A 261 -16.63 16.26 8.25
N SEP A 262 -17.04 17.00 9.28
CA SEP A 262 -16.13 17.58 10.25
CB SEP A 262 -16.93 18.42 11.25
OG SEP A 262 -17.60 19.48 10.55
C SEP A 262 -15.28 16.51 10.96
O SEP A 262 -14.10 16.72 11.23
P SEP A 262 -19.22 19.43 10.62
O1P SEP A 262 -19.67 19.43 12.17
O2P SEP A 262 -19.74 18.07 9.89
O3P SEP A 262 -19.84 20.76 9.92
N GLU A 263 -15.91 15.37 11.27
CA GLU A 263 -15.21 14.26 11.90
C GLU A 263 -14.08 13.70 11.00
N CYS A 264 -14.37 13.56 9.71
CA CYS A 264 -13.36 13.05 8.77
C CYS A 264 -12.24 14.07 8.55
N GLN A 265 -12.61 15.36 8.36
CA GLN A 265 -11.61 16.42 8.25
C GLN A 265 -10.68 16.43 9.45
N HIS A 266 -11.23 16.25 10.65
CA HIS A 266 -10.41 16.26 11.85
C HIS A 266 -9.40 15.11 11.83
N LEU A 267 -9.86 13.89 11.51
CA LEU A 267 -8.95 12.75 11.39
C LEU A 267 -7.86 13.02 10.37
N ILE A 268 -8.22 13.51 9.18
CA ILE A 268 -7.24 13.78 8.15
C ILE A 268 -6.21 14.78 8.64
N ARG A 269 -6.67 15.91 9.21
CA ARG A 269 -5.75 16.94 9.67
C ARG A 269 -4.87 16.43 10.79
N TRP A 270 -5.38 15.52 11.63
CA TRP A 270 -4.58 14.95 12.68
C TRP A 270 -3.47 14.08 12.11
N CYS A 271 -3.80 13.23 11.13
CA CYS A 271 -2.79 12.40 10.48
C CYS A 271 -1.73 13.24 9.78
N LEU A 272 -2.12 14.42 9.29
CA LEU A 272 -1.24 15.33 8.57
C LEU A 272 -0.69 16.44 9.46
N ALA A 273 -0.57 16.21 10.77
CA ALA A 273 0.12 17.16 11.62
C ALA A 273 1.58 17.28 11.19
N LEU A 274 2.08 18.51 11.13
CA LEU A 274 3.44 18.74 10.66
C LEU A 274 4.48 18.06 11.55
N ARG A 275 4.33 18.16 12.85
CA ARG A 275 5.28 17.52 13.75
C ARG A 275 4.89 16.06 13.96
N PRO A 276 5.80 15.12 13.74
CA PRO A 276 5.46 13.68 13.85
C PRO A 276 4.81 13.28 15.17
N SER A 277 5.23 13.89 16.28
CA SER A 277 4.71 13.53 17.60
C SER A 277 3.28 14.00 17.80
N ASP A 278 2.80 14.94 16.99
CA ASP A 278 1.40 15.36 17.06
C ASP A 278 0.47 14.44 16.29
N ARG A 279 1.01 13.44 15.59
CA ARG A 279 0.15 12.58 14.80
C ARG A 279 -0.44 11.48 15.68
N PRO A 280 -1.59 10.93 15.30
CA PRO A 280 -2.19 9.86 16.10
C PRO A 280 -1.42 8.57 15.92
N THR A 281 -1.52 7.70 16.93
CA THR A 281 -1.13 6.29 16.80
C THR A 281 -2.20 5.54 16.01
N PHE A 282 -1.88 4.31 15.60
CA PHE A 282 -2.88 3.51 14.89
C PHE A 282 -4.09 3.26 15.77
N GLU A 283 -3.87 3.08 17.08
CA GLU A 283 -4.98 2.89 18.01
C GLU A 283 -5.87 4.11 18.05
N GLU A 284 -5.27 5.31 18.11
CA GLU A 284 -6.06 6.54 18.13
C GLU A 284 -6.81 6.76 16.82
N ILE A 285 -6.22 6.36 15.70
CA ILE A 285 -6.95 6.45 14.42
C ILE A 285 -8.19 5.57 14.46
N GLN A 286 -8.02 4.30 14.85
CA GLN A 286 -9.12 3.34 14.82
C GLN A 286 -10.14 3.58 15.93
N ASN A 287 -9.77 4.32 16.99
CA ASN A 287 -10.74 4.77 17.98
C ASN A 287 -11.39 6.10 17.63
N HIS A 288 -11.00 6.73 16.52
CA HIS A 288 -11.54 8.05 16.20
C HIS A 288 -13.05 7.94 15.94
N PRO A 289 -13.84 8.94 16.36
CA PRO A 289 -15.28 8.92 16.04
C PRO A 289 -15.61 8.62 14.57
N TRP A 290 -14.82 9.14 13.62
CA TRP A 290 -15.14 8.91 12.21
C TRP A 290 -15.05 7.43 11.82
N MET A 291 -14.27 6.64 12.56
CA MET A 291 -13.99 5.26 12.19
C MET A 291 -14.98 4.26 12.77
N GLN A 292 -15.95 4.69 13.56
CA GLN A 292 -16.83 3.72 14.19
C GLN A 292 -17.87 3.18 13.20
N ASP A 293 -18.35 1.97 13.48
CA ASP A 293 -19.45 1.35 12.73
C ASP A 293 -19.04 1.05 11.28
N VAL A 294 -17.83 0.56 11.10
CA VAL A 294 -17.35 0.22 9.77
C VAL A 294 -18.16 -0.95 9.20
N LEU A 295 -18.34 -0.94 7.88
CA LEU A 295 -18.94 -2.07 7.18
C LEU A 295 -17.98 -3.25 7.14
N LEU A 296 -18.54 -4.46 7.16
CA LEU A 296 -17.79 -5.67 6.88
C LEU A 296 -17.41 -5.70 5.40
N PRO A 297 -16.36 -6.44 5.04
CA PRO A 297 -15.95 -6.48 3.62
C PRO A 297 -17.07 -6.94 2.69
N GLN A 298 -17.84 -7.96 3.08
CA GLN A 298 -18.91 -8.48 2.23
C GLN A 298 -20.03 -7.46 2.07
N GLU A 299 -20.43 -6.81 3.17
CA GLU A 299 -21.38 -5.70 3.07
C GLU A 299 -20.88 -4.63 2.11
N THR A 300 -19.59 -4.30 2.19
CA THR A 300 -19.00 -3.28 1.34
C THR A 300 -19.16 -3.65 -0.13
N ALA A 301 -18.84 -4.90 -0.46
CA ALA A 301 -18.99 -5.36 -1.84
C ALA A 301 -20.43 -5.27 -2.30
N GLU A 302 -21.36 -5.68 -1.43
CA GLU A 302 -22.77 -5.73 -1.84
C GLU A 302 -23.36 -4.33 -1.97
N ILE A 303 -22.96 -3.41 -1.10
CA ILE A 303 -23.55 -2.08 -1.15
C ILE A 303 -22.88 -1.23 -2.23
N HIS A 304 -21.55 -1.32 -2.37
CA HIS A 304 -20.80 -0.36 -3.15
C HIS A 304 -20.08 -0.92 -4.37
N LEU A 305 -19.90 -2.24 -4.47
CA LEU A 305 -19.11 -2.78 -5.56
C LEU A 305 -19.88 -3.66 -6.53
N HIS A 306 -20.89 -4.40 -6.09
CA HIS A 306 -21.65 -5.26 -7.00
C HIS A 306 -22.64 -4.42 -7.81
N ARG B 2 -9.65 18.93 -13.23
CA ARG B 2 -8.29 18.97 -12.70
C ARG B 2 -7.57 17.65 -13.03
N LYS B 3 -6.27 17.73 -13.31
CA LYS B 3 -5.50 16.56 -13.73
C LYS B 3 -5.07 15.75 -12.52
N ARG B 4 -5.56 14.52 -12.44
CA ARG B 4 -5.11 13.54 -11.48
C ARG B 4 -4.11 12.62 -12.17
N ARG B 5 -2.98 12.37 -11.52
CA ARG B 5 -1.93 11.59 -12.14
C ARG B 5 -1.36 10.60 -11.12
N ARG B 6 -0.76 9.54 -11.64
CA ARG B 6 0.03 8.63 -10.82
C ARG B 6 1.38 9.27 -10.55
N HIS B 7 2.10 8.73 -9.56
CA HIS B 7 3.42 9.24 -9.18
C HIS B 7 4.39 8.08 -8.96
N PRO B 8 5.37 7.91 -9.84
CA PRO B 8 6.35 6.82 -9.66
C PRO B 8 7.06 6.86 -8.31
N SER B 9 7.38 5.67 -7.81
CA SER B 9 8.17 5.56 -6.59
C SER B 9 9.63 5.88 -6.89
C17 XIT C . 2.38 -6.60 -8.36
C8 XIT C . -2.00 -7.23 -9.76
C6 XIT C . 0.30 -7.77 -8.71
C10 XIT C . -3.17 -7.32 -12.00
C9 XIT C . -3.07 -7.77 -10.68
C3 XIT C . 2.36 -6.93 -7.01
C4 XIT C . 1.30 -7.69 -6.53
C5 XIT C . 0.28 -8.09 -7.37
C11 XIT C . -4.09 -7.88 -12.87
C12 XIT C . -4.94 -8.89 -12.43
C14 XIT C . -4.85 -9.34 -11.13
C15 XIT C . -3.93 -8.77 -10.26
C16 XIT C . 1.36 -7.02 -9.20
C2 XIT C . 3.46 -6.46 -6.09
C7 XIT C . -0.80 -8.24 -9.64
O1 XIT C . 3.43 -6.88 -4.90
O13 XIT C . -5.83 -9.46 -13.28
O18 XIT C . 4.33 -5.68 -6.56
#